data_5QBF
#
_entry.id   5QBF
#
_cell.length_a   45.181
_cell.length_b   73.002
_cell.length_c   52.716
_cell.angle_alpha   90.000
_cell.angle_beta   109.250
_cell.angle_gamma   90.000
#
_symmetry.space_group_name_H-M   'P 1 21 1'
#
loop_
_entity.id
_entity.type
_entity.pdbx_description
1 polymer Endothiapepsin
2 non-polymer GLYCEROL
3 non-polymer 'ACETATE ION'
4 non-polymer 2-amino-1,4-anhydro-2,5-dideoxy-5-[(4-fluorobenzene-1-carbonyl)amino]-D-arabinitol
5 water water
#
_entity_poly.entity_id   1
_entity_poly.type   'polypeptide(L)'
_entity_poly.pdbx_seq_one_letter_code
;STGSATTTPIDSLDDAYITPVQIGTPAQTLNLDFDTGSSDLWVFSSETTASEVDGQTIYTPSKSTTAKLLSGATWSISYG
DGSSSSGDVYTDTVSVGGLTVTGQAVESAKKVSSSFTEDSTIDGLLGLAFSTLNTVSPTQQKTFFDNAKASLDSPVFTAD
LGYHAPGTYNFGFIDTTAYTGSITYTAVSTKQGFWEWTSTGYAVGSGTFKSTSIDGIADTGTTLLYLPATVVSAYWAQVS
GAKSSSSVGGYVFPCSATLPSFTFGVGSARIVIPGDYIDFGPISTGSSSCFGGIQSSAGIGINIFGDVALKAAFVVFNGA
TTPTLGFASK
;
_entity_poly.pdbx_strand_id   A
#
loop_
_chem_comp.id
_chem_comp.type
_chem_comp.name
_chem_comp.formula
ACT non-polymer 'ACETATE ION' 'C2 H3 O2 -1'
D8J non-polymer 2-amino-1,4-anhydro-2,5-dideoxy-5-[(4-fluorobenzene-1-carbonyl)amino]-D-arabinitol 'C12 H15 F N2 O3'
GOL non-polymer GLYCEROL 'C3 H8 O3'
#
# COMPACT_ATOMS: atom_id res chain seq x y z
N SER A 1 13.63 4.30 -19.54
CA SER A 1 12.33 3.66 -19.69
C SER A 1 11.33 4.20 -18.68
N THR A 2 10.05 3.93 -18.94
CA THR A 2 8.97 4.25 -18.00
C THR A 2 7.92 3.16 -18.05
N GLY A 3 7.03 3.17 -17.05
CA GLY A 3 5.84 2.34 -17.06
C GLY A 3 4.69 3.12 -16.46
N SER A 4 3.47 2.74 -16.83
CA SER A 4 2.27 3.40 -16.32
C SER A 4 1.14 2.39 -16.30
N ALA A 5 0.56 2.12 -15.14
CA ALA A 5 -0.51 1.16 -15.03
C ALA A 5 -1.64 1.71 -14.18
N THR A 6 -2.86 1.36 -14.54
CA THR A 6 -4.02 1.74 -13.77
C THR A 6 -4.20 0.80 -12.59
N THR A 7 -4.52 1.38 -11.43
CA THR A 7 -4.80 0.59 -10.24
C THR A 7 -6.27 0.80 -9.86
N THR A 8 -6.95 -0.27 -9.44
CA THR A 8 -8.41 -0.29 -9.31
C THR A 8 -8.82 -0.80 -7.94
N PRO A 9 -9.74 -0.10 -7.24
CA PRO A 9 -10.22 -0.63 -5.95
CA PRO A 9 -10.19 -0.64 -5.95
C PRO A 9 -10.83 -2.02 -6.10
N ILE A 10 -10.58 -2.91 -5.14
CA ILE A 10 -11.11 -4.27 -5.23
C ILE A 10 -12.59 -4.34 -4.85
N ASP A 11 -13.09 -3.31 -4.19
CA ASP A 11 -14.48 -3.29 -3.75
C ASP A 11 -14.95 -1.87 -3.53
N SER A 12 -16.20 -1.71 -3.09
CA SER A 12 -16.83 -0.40 -2.99
C SER A 12 -16.28 0.45 -1.84
N LEU A 13 -15.45 -0.14 -0.99
CA LEU A 13 -14.90 0.56 0.18
C LEU A 13 -13.44 0.97 -0.01
N ASP A 14 -12.83 0.63 -1.15
CA ASP A 14 -11.40 0.81 -1.35
C ASP A 14 -10.58 0.05 -0.31
N ASP A 15 -10.94 -1.19 -0.03
CA ASP A 15 -10.18 -1.97 0.94
C ASP A 15 -8.73 -2.20 0.48
N ALA A 16 -8.55 -2.28 -0.83
CA ALA A 16 -7.24 -2.44 -1.43
C ALA A 16 -7.36 -2.12 -2.89
N TYR A 17 -6.23 -2.04 -3.58
CA TYR A 17 -6.17 -1.72 -5.00
C TYR A 17 -5.39 -2.79 -5.73
N ILE A 18 -5.86 -3.16 -6.91
CA ILE A 18 -5.14 -4.15 -7.73
C ILE A 18 -4.70 -3.55 -9.05
N THR A 19 -3.53 -4.01 -9.50
CA THR A 19 -2.89 -3.50 -10.69
C THR A 19 -2.47 -4.69 -11.54
N PRO A 20 -2.82 -4.68 -12.84
CA PRO A 20 -2.45 -5.83 -13.67
C PRO A 20 -0.95 -5.88 -13.92
N VAL A 21 -0.39 -7.08 -13.82
CA VAL A 21 1.04 -7.32 -13.98
C VAL A 21 1.23 -8.50 -14.92
N GLN A 22 2.07 -8.32 -15.93
CA GLN A 22 2.39 -9.41 -16.87
C GLN A 22 3.59 -10.21 -16.39
N ILE A 23 3.42 -11.52 -16.25
CA ILE A 23 4.50 -12.40 -15.79
C ILE A 23 4.72 -13.53 -16.80
N GLY A 24 5.96 -13.70 -17.24
CA GLY A 24 6.29 -14.85 -18.05
C GLY A 24 6.11 -14.67 -19.55
N THR A 25 6.39 -15.74 -20.28
CA THR A 25 6.33 -15.76 -21.74
C THR A 25 5.68 -17.06 -22.20
N PRO A 26 4.52 -16.97 -22.88
CA PRO A 26 3.69 -15.78 -23.12
C PRO A 26 3.21 -15.18 -21.80
N ALA A 27 2.80 -13.92 -21.83
CA ALA A 27 2.40 -13.23 -20.61
C ALA A 27 1.26 -13.93 -19.91
N GLN A 28 1.38 -14.03 -18.58
CA GLN A 28 0.28 -14.40 -17.71
C GLN A 28 -0.04 -13.15 -16.89
N THR A 29 -1.24 -12.62 -17.05
CA THR A 29 -1.59 -11.38 -16.35
C THR A 29 -2.27 -11.70 -15.05
N LEU A 30 -1.67 -11.23 -13.95
CA LEU A 30 -2.22 -11.37 -12.61
C LEU A 30 -2.47 -9.98 -12.03
N ASN A 31 -3.50 -9.87 -11.19
CA ASN A 31 -3.83 -8.60 -10.56
C ASN A 31 -3.22 -8.56 -9.17
N LEU A 32 -2.20 -7.74 -9.01
CA LEU A 32 -1.42 -7.74 -7.78
C LEU A 32 -1.70 -6.48 -6.95
N ASP A 33 -1.54 -6.63 -5.65
CA ASP A 33 -1.67 -5.57 -4.69
C ASP A 33 -0.30 -4.92 -4.51
N PHE A 34 -0.11 -3.74 -5.09
CA PHE A 34 1.16 -3.02 -4.96
C PHE A 34 1.30 -2.48 -3.53
N ASP A 35 2.36 -2.89 -2.86
CA ASP A 35 2.47 -2.72 -1.41
C ASP A 35 3.77 -2.02 -1.05
N THR A 36 3.73 -0.72 -0.80
CA THR A 36 4.95 0.00 -0.43
C THR A 36 5.40 -0.28 1.01
N GLY A 37 4.65 -1.14 1.71
CA GLY A 37 5.05 -1.58 3.04
C GLY A 37 5.65 -2.98 3.13
N SER A 38 5.92 -3.62 1.99
CA SER A 38 6.63 -4.89 1.99
C SER A 38 7.47 -5.01 0.73
N SER A 39 8.25 -6.08 0.63
CA SER A 39 9.28 -6.14 -0.41
C SER A 39 9.37 -7.48 -1.11
N ASP A 40 8.27 -8.25 -1.08
CA ASP A 40 8.20 -9.51 -1.80
C ASP A 40 7.18 -9.39 -2.93
N LEU A 41 7.55 -9.90 -4.10
CA LEU A 41 6.60 -10.09 -5.20
C LEU A 41 6.20 -11.55 -5.17
N TRP A 42 5.00 -11.85 -4.68
CA TRP A 42 4.57 -13.24 -4.59
C TRP A 42 3.20 -13.39 -5.23
N VAL A 43 2.94 -14.59 -5.74
CA VAL A 43 1.74 -14.86 -6.51
C VAL A 43 1.12 -16.19 -6.15
N PHE A 44 -0.21 -16.23 -6.23
CA PHE A 44 -0.93 -17.49 -6.33
C PHE A 44 -0.40 -18.24 -7.55
N SER A 45 -0.27 -19.55 -7.43
CA SER A 45 0.37 -20.30 -8.50
C SER A 45 -0.18 -21.70 -8.63
N SER A 46 0.34 -22.41 -9.63
CA SER A 46 0.01 -23.81 -9.82
C SER A 46 0.50 -24.66 -8.65
N GLU A 47 1.37 -24.08 -7.82
CA GLU A 47 1.95 -24.78 -6.67
C GLU A 47 1.17 -24.54 -5.38
N THR A 48 0.25 -23.58 -5.41
CA THR A 48 -0.52 -23.25 -4.22
C THR A 48 -1.46 -24.39 -3.85
N THR A 49 -1.43 -24.78 -2.57
CA THR A 49 -2.35 -25.77 -2.03
C THR A 49 -3.76 -25.54 -2.57
N ALA A 50 -4.34 -26.55 -3.20
CA ALA A 50 -5.59 -26.40 -3.93
C ALA A 50 -6.72 -25.85 -3.07
N SER A 51 -6.81 -26.32 -1.84
CA SER A 51 -7.87 -25.89 -0.92
C SER A 51 -7.74 -24.42 -0.52
N GLU A 52 -6.58 -23.83 -0.78
CA GLU A 52 -6.33 -22.44 -0.40
C GLU A 52 -6.48 -21.48 -1.57
N VAL A 53 -6.85 -22.01 -2.73
CA VAL A 53 -7.16 -21.17 -3.89
C VAL A 53 -8.67 -21.11 -4.11
N ASP A 54 -9.22 -19.90 -4.20
CA ASP A 54 -10.66 -19.71 -4.37
C ASP A 54 -10.97 -18.51 -5.28
N GLY A 55 -10.78 -18.71 -6.57
CA GLY A 55 -11.13 -17.69 -7.54
C GLY A 55 -9.97 -16.88 -8.08
N GLN A 56 -8.81 -16.95 -7.44
CA GLN A 56 -7.65 -16.19 -7.91
C GLN A 56 -7.13 -16.73 -9.23
N THR A 57 -6.54 -15.85 -10.01
CA THR A 57 -5.78 -16.25 -11.18
C THR A 57 -4.40 -16.69 -10.73
N ILE A 58 -3.95 -17.83 -11.25
CA ILE A 58 -2.66 -18.37 -10.82
C ILE A 58 -1.60 -18.23 -11.89
N TYR A 59 -0.35 -18.10 -11.43
CA TYR A 59 0.84 -18.17 -12.27
C TYR A 59 1.27 -19.62 -12.41
N THR A 60 1.48 -20.08 -13.65
CA THR A 60 1.94 -21.43 -13.90
C THR A 60 3.32 -21.37 -14.54
N PRO A 61 4.38 -21.51 -13.72
CA PRO A 61 5.71 -21.32 -14.29
C PRO A 61 6.06 -22.32 -15.40
N SER A 62 5.50 -23.52 -15.36
CA SER A 62 5.79 -24.53 -16.38
C SER A 62 5.30 -24.11 -17.77
N LYS A 63 4.40 -23.12 -17.82
CA LYS A 63 3.88 -22.63 -19.09
C LYS A 63 4.61 -21.40 -19.59
N SER A 64 5.60 -20.96 -18.82
CA SER A 64 6.41 -19.80 -19.20
C SER A 64 7.79 -20.22 -19.65
N THR A 65 8.14 -19.88 -20.89
CA THR A 65 9.40 -20.33 -21.44
C THR A 65 10.59 -19.57 -20.86
N THR A 66 10.32 -18.50 -20.13
CA THR A 66 11.37 -17.69 -19.53
C THR A 66 11.49 -17.92 -18.02
N ALA A 67 10.60 -18.74 -17.46
CA ALA A 67 10.68 -19.07 -16.03
C ALA A 67 11.85 -20.00 -15.75
N LYS A 68 12.57 -19.72 -14.67
CA LYS A 68 13.62 -20.60 -14.18
C LYS A 68 13.50 -20.73 -12.67
N LEU A 69 13.52 -21.96 -12.17
CA LEU A 69 13.50 -22.18 -10.74
C LEU A 69 14.75 -21.55 -10.14
N LEU A 70 14.57 -20.79 -9.08
CA LEU A 70 15.72 -20.26 -8.35
C LEU A 70 16.10 -21.31 -7.33
N SER A 71 17.12 -22.09 -7.67
CA SER A 71 17.42 -23.32 -6.96
C SER A 71 17.67 -23.09 -5.47
N GLY A 72 16.92 -23.78 -4.64
CA GLY A 72 17.10 -23.75 -3.20
C GLY A 72 16.48 -22.59 -2.46
N ALA A 73 15.88 -21.66 -3.21
CA ALA A 73 15.30 -20.46 -2.60
C ALA A 73 13.90 -20.71 -2.09
N THR A 74 13.66 -20.25 -0.87
CA THR A 74 12.32 -20.27 -0.29
C THR A 74 12.01 -18.89 0.28
N TRP A 75 10.73 -18.68 0.59
CA TRP A 75 10.30 -17.42 1.16
C TRP A 75 9.16 -17.68 2.12
N SER A 76 8.99 -16.78 3.06
CA SER A 76 7.95 -16.88 4.05
C SER A 76 7.74 -15.51 4.65
N ILE A 77 6.51 -15.03 4.61
CA ILE A 77 6.25 -13.69 5.08
C ILE A 77 5.02 -13.67 5.97
N SER A 78 5.07 -12.83 6.98
CA SER A 78 3.90 -12.60 7.82
C SER A 78 3.71 -11.09 7.91
N TYR A 79 2.49 -10.65 7.60
CA TYR A 79 2.18 -9.24 7.55
C TYR A 79 1.65 -8.74 8.90
N GLY A 80 1.57 -7.42 9.04
CA GLY A 80 1.18 -6.81 10.29
C GLY A 80 -0.22 -7.17 10.77
N ASP A 81 -1.07 -7.62 9.84
CA ASP A 81 -2.45 -7.96 10.19
C ASP A 81 -2.58 -9.44 10.53
N GLY A 82 -1.45 -10.14 10.56
CA GLY A 82 -1.43 -11.55 10.93
C GLY A 82 -1.57 -12.50 9.75
N SER A 83 -1.78 -11.96 8.56
CA SER A 83 -1.84 -12.80 7.37
C SER A 83 -0.43 -13.26 6.98
N SER A 84 -0.36 -14.29 6.14
CA SER A 84 0.92 -14.89 5.80
C SER A 84 0.86 -15.71 4.52
N SER A 85 2.04 -15.98 3.96
CA SER A 85 2.19 -16.84 2.80
C SER A 85 3.63 -17.30 2.71
N SER A 86 3.87 -18.35 1.95
CA SER A 86 5.22 -18.90 1.81
C SER A 86 5.30 -19.81 0.59
N GLY A 87 6.51 -20.10 0.15
CA GLY A 87 6.69 -20.98 -0.99
C GLY A 87 8.09 -21.01 -1.53
N ASP A 88 8.23 -21.26 -2.82
CA ASP A 88 9.53 -21.25 -3.47
C ASP A 88 9.60 -20.12 -4.49
N VAL A 89 10.66 -20.10 -5.30
CA VAL A 89 10.95 -18.90 -6.07
C VAL A 89 11.38 -19.23 -7.50
N TYR A 90 10.83 -18.48 -8.45
CA TYR A 90 11.26 -18.52 -9.83
C TYR A 90 11.83 -17.17 -10.20
N THR A 91 12.66 -17.12 -11.23
CA THR A 91 12.90 -15.84 -11.87
C THR A 91 12.17 -15.86 -13.20
N ASP A 92 11.64 -14.71 -13.60
CA ASP A 92 10.89 -14.62 -14.85
C ASP A 92 10.81 -13.16 -15.27
N THR A 93 10.31 -12.95 -16.47
CA THR A 93 10.09 -11.61 -17.00
C THR A 93 8.80 -11.04 -16.44
N VAL A 94 8.89 -9.84 -15.86
CA VAL A 94 7.74 -9.18 -15.26
C VAL A 94 7.59 -7.79 -15.87
N SER A 95 6.39 -7.47 -16.33
CA SER A 95 6.12 -6.16 -16.90
C SER A 95 4.95 -5.48 -16.20
N VAL A 96 5.13 -4.20 -15.94
CA VAL A 96 4.10 -3.36 -15.34
C VAL A 96 3.89 -2.15 -16.23
N GLY A 97 2.71 -2.06 -16.83
CA GLY A 97 2.37 -0.88 -17.61
C GLY A 97 3.40 -0.51 -18.67
N GLY A 98 4.00 -1.52 -19.29
CA GLY A 98 4.96 -1.30 -20.36
C GLY A 98 6.41 -1.30 -19.93
N LEU A 99 6.66 -1.32 -18.63
CA LEU A 99 8.02 -1.40 -18.09
C LEU A 99 8.38 -2.84 -17.80
N THR A 100 9.47 -3.32 -18.40
CA THR A 100 9.83 -4.72 -18.29
C THR A 100 11.12 -4.97 -17.50
N VAL A 101 11.05 -5.90 -16.55
CA VAL A 101 12.22 -6.38 -15.85
C VAL A 101 12.44 -7.85 -16.16
N THR A 102 13.64 -8.20 -16.64
CA THR A 102 13.97 -9.60 -16.82
C THR A 102 14.65 -10.13 -15.57
N GLY A 103 14.48 -11.41 -15.29
CA GLY A 103 15.10 -12.02 -14.13
C GLY A 103 14.56 -11.55 -12.79
N GLN A 104 13.32 -11.08 -12.78
CA GLN A 104 12.66 -10.70 -11.53
C GLN A 104 12.33 -11.92 -10.70
N ALA A 105 12.62 -11.87 -9.40
CA ALA A 105 12.21 -12.95 -8.50
C ALA A 105 10.70 -12.94 -8.34
N VAL A 106 10.07 -14.02 -8.77
CA VAL A 106 8.63 -14.20 -8.64
C VAL A 106 8.44 -15.32 -7.63
N GLU A 107 7.92 -14.96 -6.47
CA GLU A 107 7.80 -15.90 -5.37
C GLU A 107 6.48 -16.63 -5.46
N SER A 108 6.57 -17.93 -5.69
CA SER A 108 5.41 -18.77 -5.91
C SER A 108 4.86 -19.31 -4.59
N ALA A 109 3.61 -19.01 -4.29
CA ALA A 109 3.02 -19.46 -3.03
C ALA A 109 2.70 -20.94 -3.05
N LYS A 110 3.19 -21.66 -2.05
CA LYS A 110 2.72 -23.01 -1.78
C LYS A 110 1.61 -22.98 -0.73
N LYS A 111 1.70 -22.01 0.19
CA LYS A 111 0.71 -21.82 1.24
C LYS A 111 0.32 -20.35 1.34
N VAL A 112 -0.96 -20.09 1.56
CA VAL A 112 -1.43 -18.75 1.90
C VAL A 112 -2.40 -18.85 3.06
N SER A 113 -2.49 -17.80 3.87
CA SER A 113 -3.42 -17.81 4.99
C SER A 113 -4.82 -17.48 4.51
N SER A 114 -5.79 -17.68 5.39
CA SER A 114 -7.20 -17.64 5.01
C SER A 114 -7.64 -16.31 4.41
N SER A 115 -7.08 -15.20 4.89
CA SER A 115 -7.51 -13.90 4.39
C SER A 115 -7.14 -13.72 2.92
N PHE A 116 -6.03 -14.32 2.49
CA PHE A 116 -5.68 -14.27 1.07
C PHE A 116 -6.62 -15.15 0.24
N THR A 117 -6.88 -16.35 0.73
CA THR A 117 -7.81 -17.26 0.06
C THR A 117 -9.17 -16.60 -0.14
N GLU A 118 -9.63 -15.90 0.89
CA GLU A 118 -10.95 -15.29 0.90
C GLU A 118 -11.04 -14.04 0.02
N ASP A 119 -9.90 -13.49 -0.36
N ASP A 119 -9.91 -13.49 -0.37
CA ASP A 119 -9.88 -12.33 -1.28
CA ASP A 119 -9.93 -12.34 -1.27
C ASP A 119 -9.69 -12.79 -2.72
C ASP A 119 -9.70 -12.80 -2.71
N SER A 120 -10.80 -13.09 -3.41
CA SER A 120 -10.73 -13.62 -4.75
C SER A 120 -10.13 -12.66 -5.77
N THR A 121 -10.12 -11.38 -5.43
CA THR A 121 -9.69 -10.33 -6.36
C THR A 121 -8.18 -10.06 -6.37
N ILE A 122 -7.47 -10.58 -5.37
CA ILE A 122 -6.04 -10.32 -5.26
C ILE A 122 -5.23 -11.58 -5.56
N ASP A 123 -4.46 -11.54 -6.64
CA ASP A 123 -3.70 -12.69 -7.13
C ASP A 123 -2.31 -12.77 -6.55
N GLY A 124 -1.95 -11.78 -5.72
CA GLY A 124 -0.63 -11.72 -5.12
C GLY A 124 -0.27 -10.31 -4.76
N LEU A 125 0.96 -10.11 -4.29
CA LEU A 125 1.46 -8.81 -3.88
C LEU A 125 2.70 -8.45 -4.69
N LEU A 126 2.88 -7.16 -4.92
CA LEU A 126 4.11 -6.65 -5.51
C LEU A 126 4.69 -5.64 -4.53
N GLY A 127 5.75 -6.04 -3.83
CA GLY A 127 6.31 -5.21 -2.79
C GLY A 127 7.15 -4.08 -3.35
N LEU A 128 7.03 -2.91 -2.74
CA LEU A 128 7.72 -1.71 -3.20
C LEU A 128 8.41 -0.97 -2.06
N ALA A 129 8.57 -1.63 -0.92
CA ALA A 129 9.43 -1.11 0.14
C ALA A 129 10.88 -1.45 -0.22
N PHE A 130 11.81 -1.27 0.70
CA PHE A 130 13.19 -1.46 0.35
C PHE A 130 13.59 -2.93 0.37
N SER A 131 14.52 -3.30 -0.51
CA SER A 131 14.80 -4.73 -0.73
C SER A 131 15.39 -5.42 0.49
N THR A 132 15.87 -4.64 1.46
CA THR A 132 16.37 -5.19 2.71
C THR A 132 15.30 -5.97 3.49
N LEU A 133 14.03 -5.74 3.17
CA LEU A 133 12.94 -6.46 3.81
C LEU A 133 12.54 -7.75 3.08
N ASN A 134 13.12 -8.01 1.91
CA ASN A 134 12.71 -9.17 1.14
C ASN A 134 13.02 -10.46 1.88
N THR A 135 12.08 -11.40 1.89
CA THR A 135 12.22 -12.57 2.74
C THR A 135 12.84 -13.80 2.07
N VAL A 136 13.26 -13.69 0.81
CA VAL A 136 13.83 -14.87 0.16
C VAL A 136 15.13 -15.31 0.82
N SER A 137 15.24 -16.61 1.06
CA SER A 137 16.39 -17.22 1.71
C SER A 137 16.86 -18.39 0.86
N PRO A 138 18.18 -18.63 0.77
CA PRO A 138 19.28 -17.96 1.49
C PRO A 138 19.83 -16.72 0.79
N THR A 139 19.31 -16.39 -0.38
CA THR A 139 19.78 -15.23 -1.14
C THR A 139 18.64 -14.23 -1.29
N GLN A 140 18.73 -13.13 -0.55
CA GLN A 140 17.71 -12.09 -0.60
C GLN A 140 17.57 -11.56 -2.01
N GLN A 141 16.33 -11.29 -2.43
CA GLN A 141 16.06 -10.81 -3.78
C GLN A 141 15.62 -9.36 -3.82
N LYS A 142 15.75 -8.73 -4.98
CA LYS A 142 15.41 -7.32 -5.15
C LYS A 142 13.96 -7.13 -5.57
N THR A 143 13.37 -6.01 -5.16
CA THR A 143 12.04 -5.65 -5.64
C THR A 143 12.04 -5.30 -7.11
N PHE A 144 10.84 -5.29 -7.68
CA PHE A 144 10.64 -4.88 -9.06
C PHE A 144 11.21 -3.48 -9.31
N PHE A 145 10.93 -2.56 -8.39
CA PHE A 145 11.43 -1.19 -8.52
C PHE A 145 12.95 -1.14 -8.46
N ASP A 146 13.55 -1.88 -7.52
N ASP A 146 13.52 -1.88 -7.51
CA ASP A 146 15.00 -1.88 -7.41
CA ASP A 146 14.97 -1.97 -7.34
C ASP A 146 15.65 -2.44 -8.67
C ASP A 146 15.62 -2.43 -8.64
N ASN A 147 15.05 -3.48 -9.25
CA ASN A 147 15.58 -4.04 -10.48
C ASN A 147 15.44 -3.08 -11.65
N ALA A 148 14.35 -2.33 -11.68
CA ALA A 148 14.05 -1.45 -12.80
C ALA A 148 14.80 -0.12 -12.72
N LYS A 149 15.21 0.25 -11.52
CA LYS A 149 15.60 1.62 -11.19
C LYS A 149 16.63 2.24 -12.12
N ALA A 150 17.70 1.50 -12.42
CA ALA A 150 18.79 2.02 -13.22
C ALA A 150 18.36 2.30 -14.65
N SER A 151 17.33 1.57 -15.10
CA SER A 151 16.85 1.70 -16.47
CA SER A 151 16.84 1.70 -16.47
C SER A 151 15.83 2.82 -16.61
N LEU A 152 15.24 3.23 -15.51
CA LEU A 152 14.20 4.26 -15.52
C LEU A 152 14.74 5.63 -15.89
N ASP A 153 13.92 6.45 -16.55
CA ASP A 153 14.33 7.82 -16.88
C ASP A 153 14.75 8.57 -15.61
N SER A 154 13.96 8.38 -14.56
CA SER A 154 14.25 8.92 -13.23
CA SER A 154 14.26 8.91 -13.23
C SER A 154 13.97 7.81 -12.22
N PRO A 155 14.78 7.70 -11.16
CA PRO A 155 14.63 6.58 -10.23
C PRO A 155 13.50 6.77 -9.23
N VAL A 156 12.26 6.84 -9.74
CA VAL A 156 11.09 7.17 -8.95
C VAL A 156 9.91 6.32 -9.37
N PHE A 157 8.95 6.13 -8.46
CA PHE A 157 7.62 5.73 -8.87
C PHE A 157 6.62 6.59 -8.13
N THR A 158 5.41 6.70 -8.66
CA THR A 158 4.39 7.53 -8.03
C THR A 158 3.11 6.73 -7.83
N ALA A 159 2.43 7.04 -6.73
CA ALA A 159 1.13 6.46 -6.41
C ALA A 159 0.08 7.54 -6.43
N ASP A 160 -0.95 7.31 -7.25
CA ASP A 160 -2.06 8.22 -7.40
C ASP A 160 -3.35 7.42 -7.24
N LEU A 161 -3.68 7.12 -5.99
CA LEU A 161 -4.81 6.25 -5.70
C LEU A 161 -6.11 7.04 -5.75
N GLY A 162 -7.15 6.44 -6.31
CA GLY A 162 -8.44 7.10 -6.38
C GLY A 162 -9.34 6.82 -5.19
N TYR A 163 -10.26 7.74 -4.93
CA TYR A 163 -11.31 7.52 -3.95
C TYR A 163 -12.52 6.93 -4.68
N HIS A 164 -12.84 5.67 -4.36
CA HIS A 164 -13.94 4.96 -5.01
C HIS A 164 -13.83 5.05 -6.54
N ALA A 165 -12.59 4.99 -7.05
CA ALA A 165 -12.33 5.19 -8.47
C ALA A 165 -10.94 4.67 -8.77
N PRO A 166 -10.65 4.36 -10.06
CA PRO A 166 -9.30 3.95 -10.42
C PRO A 166 -8.29 5.08 -10.27
N GLY A 167 -7.02 4.68 -10.26
CA GLY A 167 -5.91 5.59 -10.12
C GLY A 167 -4.75 5.03 -10.92
N THR A 168 -3.55 5.49 -10.62
CA THR A 168 -2.38 5.21 -11.45
C THR A 168 -1.12 4.99 -10.63
N TYR A 169 -0.35 3.97 -11.03
CA TYR A 169 1.05 3.83 -10.63
C TYR A 169 1.93 4.13 -11.82
N ASN A 170 2.82 5.11 -11.68
CA ASN A 170 3.80 5.41 -12.73
C ASN A 170 5.20 5.07 -12.25
N PHE A 171 6.02 4.61 -13.17
CA PHE A 171 7.42 4.29 -12.90
C PHE A 171 8.31 5.11 -13.81
N GLY A 172 9.25 5.84 -13.21
CA GLY A 172 10.29 6.49 -13.98
C GLY A 172 10.03 7.92 -14.41
N PHE A 173 8.86 8.46 -14.08
CA PHE A 173 8.54 9.84 -14.42
C PHE A 173 7.46 10.38 -13.49
N ILE A 174 7.42 11.71 -13.39
CA ILE A 174 6.42 12.41 -12.63
C ILE A 174 5.46 13.09 -13.60
N ASP A 175 4.19 12.68 -13.56
CA ASP A 175 3.15 13.25 -14.40
C ASP A 175 2.71 14.58 -13.81
N THR A 176 3.17 15.68 -14.38
CA THR A 176 2.92 17.00 -13.82
C THR A 176 1.48 17.46 -14.03
N THR A 177 0.70 16.71 -14.80
CA THR A 177 -0.72 17.02 -14.96
C THR A 177 -1.59 16.31 -13.92
N ALA A 178 -0.97 15.50 -13.06
CA ALA A 178 -1.74 14.64 -12.16
C ALA A 178 -1.97 15.23 -10.77
N TYR A 179 -1.44 16.42 -10.51
CA TYR A 179 -1.57 17.02 -9.20
C TYR A 179 -1.73 18.54 -9.35
N THR A 180 -2.16 19.19 -8.28
CA THR A 180 -2.30 20.63 -8.24
C THR A 180 -1.16 21.20 -7.40
N GLY A 181 -0.87 22.48 -7.58
CA GLY A 181 0.18 23.13 -6.82
C GLY A 181 1.53 22.46 -6.98
N SER A 182 2.31 22.44 -5.90
CA SER A 182 3.65 21.89 -5.93
CA SER A 182 3.65 21.89 -5.93
C SER A 182 3.76 20.60 -5.13
N ILE A 183 4.78 19.82 -5.42
CA ILE A 183 5.09 18.63 -4.65
C ILE A 183 6.04 19.03 -3.53
N THR A 184 5.67 18.71 -2.30
CA THR A 184 6.56 18.95 -1.16
C THR A 184 7.29 17.67 -0.80
N TYR A 185 8.61 17.74 -0.82
CA TYR A 185 9.44 16.59 -0.51
C TYR A 185 9.87 16.60 0.94
N THR A 186 10.01 15.41 1.50
CA THR A 186 10.32 15.25 2.91
C THR A 186 11.27 14.05 3.08
N ALA A 187 12.11 14.12 4.10
CA ALA A 187 13.15 13.10 4.30
C ALA A 187 12.59 11.73 4.63
N VAL A 188 13.33 10.71 4.21
CA VAL A 188 12.97 9.33 4.45
C VAL A 188 14.08 8.63 5.24
N SER A 189 13.69 7.85 6.23
CA SER A 189 14.61 6.91 6.86
C SER A 189 14.35 5.52 6.32
N THR A 190 15.41 4.85 5.87
CA THR A 190 15.29 3.48 5.38
C THR A 190 15.74 2.46 6.41
N LYS A 191 15.97 2.91 7.63
CA LYS A 191 16.54 2.07 8.68
C LYS A 191 15.69 0.86 9.01
N GLN A 192 14.37 0.97 8.85
CA GLN A 192 13.48 -0.17 9.10
C GLN A 192 13.01 -0.82 7.79
N GLY A 193 13.56 -0.37 6.66
CA GLY A 193 13.21 -0.92 5.37
C GLY A 193 11.95 -0.33 4.75
N PHE A 194 11.35 0.65 5.41
CA PHE A 194 10.11 1.26 4.94
C PHE A 194 10.34 2.64 4.35
N TRP A 195 9.32 3.16 3.67
CA TRP A 195 9.28 4.57 3.29
C TRP A 195 8.80 5.36 4.52
N GLU A 196 9.73 5.54 5.47
CA GLU A 196 9.43 6.12 6.77
C GLU A 196 9.77 7.59 6.78
N TRP A 197 8.83 8.41 7.24
CA TRP A 197 8.98 9.86 7.19
C TRP A 197 8.32 10.45 8.42
N THR A 198 8.42 11.76 8.58
CA THR A 198 7.86 12.43 9.75
C THR A 198 6.91 13.54 9.34
N SER A 199 5.62 13.33 9.59
CA SER A 199 4.64 14.37 9.37
C SER A 199 4.83 15.48 10.40
N THR A 200 4.50 16.69 9.99
CA THR A 200 4.70 17.86 10.85
C THR A 200 3.50 18.20 11.72
N GLY A 201 2.40 17.47 11.57
CA GLY A 201 1.26 17.66 12.45
C GLY A 201 -0.08 17.40 11.79
N TYR A 202 -1.15 17.86 12.43
CA TYR A 202 -2.48 17.56 11.93
C TYR A 202 -3.52 18.60 12.33
N ALA A 203 -4.65 18.57 11.63
CA ALA A 203 -5.84 19.32 12.04
C ALA A 203 -7.06 18.44 11.86
N VAL A 204 -8.08 18.72 12.65
CA VAL A 204 -9.36 18.05 12.52
C VAL A 204 -10.40 19.03 12.01
N GLY A 205 -11.01 18.73 10.86
CA GLY A 205 -11.98 19.62 10.26
C GLY A 205 -11.39 21.01 10.04
N SER A 206 -12.13 22.04 10.45
CA SER A 206 -11.67 23.40 10.29
C SER A 206 -10.90 23.88 11.51
N GLY A 207 -10.50 22.93 12.36
CA GLY A 207 -9.77 23.26 13.57
C GLY A 207 -8.36 23.75 13.31
N THR A 208 -7.73 24.29 14.34
CA THR A 208 -6.37 24.80 14.22
C THR A 208 -5.37 23.67 14.03
N PHE A 209 -4.31 23.94 13.29
CA PHE A 209 -3.28 22.94 13.04
C PHE A 209 -2.41 22.75 14.27
N LYS A 210 -2.22 21.49 14.66
CA LYS A 210 -1.34 21.12 15.76
C LYS A 210 0.02 20.69 15.21
N SER A 211 1.05 21.49 15.51
CA SER A 211 2.39 21.14 15.11
C SER A 211 2.95 20.08 16.04
N THR A 212 3.24 18.91 15.50
CA THR A 212 3.75 17.80 16.28
C THR A 212 4.34 16.78 15.31
N SER A 213 5.49 16.23 15.64
CA SER A 213 6.14 15.26 14.78
C SER A 213 5.48 13.90 14.87
N ILE A 214 5.06 13.38 13.73
CA ILE A 214 4.47 12.04 13.69
C ILE A 214 5.24 11.17 12.71
N ASP A 215 6.04 10.28 13.26
CA ASP A 215 6.83 9.33 12.47
CA ASP A 215 6.83 9.36 12.46
C ASP A 215 5.95 8.20 11.97
N GLY A 216 5.97 7.95 10.67
CA GLY A 216 5.17 6.85 10.17
C GLY A 216 5.63 6.41 8.79
N ILE A 217 4.94 5.43 8.23
CA ILE A 217 5.34 4.90 6.93
C ILE A 217 4.27 5.16 5.90
N ALA A 218 4.71 5.43 4.67
CA ALA A 218 3.79 5.54 3.55
C ALA A 218 3.54 4.13 3.00
N ASP A 219 2.33 3.63 3.20
CA ASP A 219 2.06 2.22 2.95
C ASP A 219 0.79 2.00 2.11
N THR A 220 0.99 1.80 0.80
CA THR A 220 -0.13 1.58 -0.10
C THR A 220 -0.84 0.25 0.16
N GLY A 221 -0.19 -0.66 0.87
CA GLY A 221 -0.76 -1.97 1.14
C GLY A 221 -1.58 -2.07 2.41
N THR A 222 -1.79 -0.94 3.09
CA THR A 222 -2.63 -0.90 4.29
C THR A 222 -3.81 0.00 4.00
N THR A 223 -5.01 -0.44 4.35
CA THR A 223 -6.23 0.28 4.00
C THR A 223 -6.36 1.62 4.71
N LEU A 224 -6.15 1.61 6.02
CA LEU A 224 -6.52 2.72 6.88
C LEU A 224 -5.35 3.60 7.29
N LEU A 225 -5.69 4.69 7.99
CA LEU A 225 -4.73 5.62 8.55
C LEU A 225 -4.59 5.32 10.04
N TYR A 226 -3.40 4.84 10.44
CA TYR A 226 -3.16 4.49 11.85
C TYR A 226 -2.23 5.52 12.48
N LEU A 227 -2.72 6.18 13.52
CA LEU A 227 -2.02 7.31 14.12
C LEU A 227 -2.03 7.19 15.64
N PRO A 228 -1.22 8.01 16.35
CA PRO A 228 -1.19 7.88 17.81
C PRO A 228 -2.57 8.09 18.44
N ALA A 229 -2.79 7.41 19.56
CA ALA A 229 -4.09 7.42 20.21
C ALA A 229 -4.59 8.82 20.55
N THR A 230 -3.67 9.73 20.91
CA THR A 230 -4.04 11.11 21.19
C THR A 230 -4.68 11.79 19.98
N VAL A 231 -4.05 11.59 18.83
CA VAL A 231 -4.51 12.20 17.57
C VAL A 231 -5.85 11.62 17.18
N VAL A 232 -5.97 10.30 17.28
CA VAL A 232 -7.18 9.62 16.85
C VAL A 232 -8.36 9.98 17.77
N SER A 233 -8.11 10.08 19.06
CA SER A 233 -9.14 10.50 20.00
C SER A 233 -9.63 11.92 19.69
N ALA A 234 -8.69 12.81 19.36
CA ALA A 234 -9.07 14.17 18.99
C ALA A 234 -9.94 14.21 17.74
N TYR A 235 -9.67 13.33 16.78
CA TYR A 235 -10.49 13.27 15.59
C TYR A 235 -11.92 12.80 15.94
N TRP A 236 -12.03 11.63 16.57
CA TRP A 236 -13.36 11.04 16.77
C TRP A 236 -14.19 11.80 17.79
N ALA A 237 -13.55 12.61 18.63
CA ALA A 237 -14.28 13.47 19.56
C ALA A 237 -15.15 14.50 18.82
N GLN A 238 -14.84 14.76 17.55
CA GLN A 238 -15.63 15.70 16.76
C GLN A 238 -16.78 15.02 16.00
N VAL A 239 -16.99 13.73 16.26
CA VAL A 239 -18.09 13.00 15.63
C VAL A 239 -19.04 12.51 16.71
N SER A 240 -20.25 13.08 16.75
CA SER A 240 -21.22 12.73 17.78
CA SER A 240 -21.22 12.73 17.78
C SER A 240 -21.55 11.25 17.74
N GLY A 241 -21.41 10.59 18.88
CA GLY A 241 -21.73 9.17 18.98
C GLY A 241 -20.58 8.24 18.65
N ALA A 242 -19.45 8.76 18.18
CA ALA A 242 -18.32 7.90 17.86
C ALA A 242 -17.71 7.36 19.15
N LYS A 243 -17.23 6.13 19.08
CA LYS A 243 -16.61 5.51 20.24
C LYS A 243 -15.66 4.41 19.79
N SER A 244 -14.70 4.09 20.64
CA SER A 244 -13.85 2.94 20.39
C SER A 244 -14.51 1.69 20.93
N SER A 245 -14.71 0.72 20.04
CA SER A 245 -15.34 -0.54 20.39
C SER A 245 -14.32 -1.66 20.42
N SER A 246 -14.09 -2.23 21.60
CA SER A 246 -13.14 -3.35 21.71
C SER A 246 -13.68 -4.57 20.96
N SER A 247 -15.00 -4.75 20.97
CA SER A 247 -15.59 -5.91 20.31
C SER A 247 -15.45 -5.81 18.79
N VAL A 248 -15.57 -4.62 18.24
CA VAL A 248 -15.45 -4.43 16.80
C VAL A 248 -13.98 -4.33 16.40
N GLY A 249 -13.16 -3.74 17.26
CA GLY A 249 -11.73 -3.64 17.00
C GLY A 249 -11.27 -2.25 16.55
N GLY A 250 -11.99 -1.23 16.98
CA GLY A 250 -11.59 0.13 16.68
C GLY A 250 -12.73 1.11 16.83
N TYR A 251 -12.49 2.33 16.39
CA TYR A 251 -13.50 3.37 16.40
C TYR A 251 -14.60 3.10 15.39
N VAL A 252 -15.83 3.22 15.88
CA VAL A 252 -17.03 3.15 15.08
C VAL A 252 -17.82 4.43 15.27
N PHE A 253 -18.73 4.71 14.36
CA PHE A 253 -19.50 5.94 14.45
C PHE A 253 -20.86 5.72 13.82
N PRO A 254 -21.86 6.52 14.22
CA PRO A 254 -23.19 6.38 13.64
C PRO A 254 -23.15 6.61 12.13
N CYS A 255 -23.74 5.72 11.36
CA CYS A 255 -23.68 5.88 9.91
C CYS A 255 -24.40 7.17 9.47
N SER A 256 -25.25 7.73 10.34
CA SER A 256 -25.92 9.00 10.04
C SER A 256 -25.02 10.23 10.20
N ALA A 257 -23.80 10.05 10.69
CA ALA A 257 -22.92 11.18 10.95
C ALA A 257 -22.34 11.79 9.68
N THR A 258 -22.00 13.08 9.73
CA THR A 258 -21.17 13.69 8.71
C THR A 258 -19.75 13.82 9.26
N LEU A 259 -18.79 13.18 8.61
CA LEU A 259 -17.42 13.15 9.12
C LEU A 259 -16.66 14.41 8.77
N PRO A 260 -15.88 14.94 9.73
CA PRO A 260 -14.97 16.05 9.39
C PRO A 260 -13.77 15.57 8.60
N SER A 261 -13.14 16.49 7.88
CA SER A 261 -11.89 16.19 7.22
C SER A 261 -10.77 15.98 8.24
N PHE A 262 -9.65 15.46 7.75
CA PHE A 262 -8.45 15.33 8.55
C PHE A 262 -7.29 15.84 7.72
N THR A 263 -6.52 16.77 8.27
CA THR A 263 -5.37 17.33 7.59
C THR A 263 -4.08 16.80 8.19
N PHE A 264 -3.13 16.37 7.36
CA PHE A 264 -1.78 16.09 7.87
C PHE A 264 -0.72 16.95 7.20
N GLY A 265 0.34 17.23 7.96
CA GLY A 265 1.38 18.12 7.48
C GLY A 265 2.50 17.37 6.79
N VAL A 266 2.98 17.96 5.69
CA VAL A 266 4.17 17.50 5.00
C VAL A 266 5.05 18.74 4.90
N GLY A 267 6.06 18.83 5.77
CA GLY A 267 6.79 20.07 5.89
C GLY A 267 5.81 21.19 6.20
N SER A 268 5.91 22.30 5.48
CA SER A 268 4.98 23.41 5.67
C SER A 268 3.68 23.22 4.87
N ALA A 269 3.61 22.16 4.07
CA ALA A 269 2.45 21.88 3.24
C ALA A 269 1.40 21.07 4.01
N ARG A 270 0.19 21.01 3.45
CA ARG A 270 -0.92 20.37 4.13
C ARG A 270 -1.68 19.51 3.14
N ILE A 271 -1.96 18.26 3.51
CA ILE A 271 -2.81 17.38 2.71
C ILE A 271 -4.13 17.19 3.46
N VAL A 272 -5.23 17.48 2.78
CA VAL A 272 -6.55 17.37 3.40
C VAL A 272 -7.25 16.10 2.93
N ILE A 273 -7.55 15.25 3.89
CA ILE A 273 -8.34 14.05 3.64
C ILE A 273 -9.82 14.39 3.85
N PRO A 274 -10.64 14.38 2.79
CA PRO A 274 -12.08 14.67 3.00
C PRO A 274 -12.74 13.68 3.95
N GLY A 275 -13.74 14.17 4.68
CA GLY A 275 -14.45 13.33 5.63
C GLY A 275 -14.95 12.02 5.04
N ASP A 276 -15.48 12.03 3.83
CA ASP A 276 -16.02 10.82 3.20
CA ASP A 276 -16.05 10.77 3.36
C ASP A 276 -14.99 9.72 3.04
N TYR A 277 -13.71 10.12 2.90
CA TYR A 277 -12.65 9.12 2.75
C TYR A 277 -12.48 8.27 4.01
N ILE A 278 -12.99 8.77 5.13
CA ILE A 278 -12.79 8.17 6.44
C ILE A 278 -13.97 7.23 6.78
N ASP A 279 -14.94 7.13 5.90
CA ASP A 279 -16.10 6.26 6.11
C ASP A 279 -15.87 4.88 5.47
N PHE A 280 -15.79 3.84 6.29
CA PHE A 280 -15.67 2.50 5.75
C PHE A 280 -16.92 1.65 5.93
N GLY A 281 -18.04 2.32 6.11
CA GLY A 281 -19.35 1.70 5.98
C GLY A 281 -19.75 0.83 7.14
N PRO A 282 -20.95 0.26 7.05
CA PRO A 282 -21.50 -0.56 8.15
C PRO A 282 -20.55 -1.66 8.60
N ILE A 283 -20.47 -1.87 9.91
CA ILE A 283 -19.54 -2.86 10.45
C ILE A 283 -19.94 -4.27 10.02
N SER A 284 -21.23 -4.48 9.84
CA SER A 284 -21.80 -5.69 9.25
C SER A 284 -22.98 -5.27 8.40
N THR A 285 -23.38 -6.09 7.45
CA THR A 285 -24.46 -5.73 6.56
C THR A 285 -25.73 -5.33 7.33
N GLY A 286 -26.25 -4.15 6.99
CA GLY A 286 -27.48 -3.67 7.61
C GLY A 286 -27.30 -2.91 8.91
N SER A 287 -26.08 -2.87 9.43
CA SER A 287 -25.82 -2.16 10.68
C SER A 287 -25.84 -0.66 10.48
N SER A 288 -26.29 0.08 11.49
CA SER A 288 -26.17 1.54 11.48
C SER A 288 -24.92 2.04 12.19
N SER A 289 -24.04 1.12 12.56
CA SER A 289 -22.73 1.49 13.08
CA SER A 289 -22.73 1.48 13.09
C SER A 289 -21.72 1.33 11.97
N CYS A 290 -20.93 2.38 11.72
CA CYS A 290 -19.98 2.40 10.62
C CYS A 290 -18.54 2.36 11.13
N PHE A 291 -17.64 1.77 10.33
CA PHE A 291 -16.26 1.63 10.76
C PHE A 291 -15.41 2.82 10.33
N GLY A 292 -14.62 3.35 11.25
CA GLY A 292 -13.83 4.52 10.94
C GLY A 292 -12.54 4.24 10.18
N GLY A 293 -12.14 5.20 9.36
CA GLY A 293 -10.94 5.04 8.54
C GLY A 293 -9.66 5.57 9.18
N ILE A 294 -9.80 6.21 10.33
CA ILE A 294 -8.67 6.63 11.16
C ILE A 294 -8.73 5.82 12.45
N GLN A 295 -7.65 5.12 12.75
CA GLN A 295 -7.62 4.21 13.88
C GLN A 295 -6.32 4.38 14.64
N SER A 296 -6.30 3.93 15.89
CA SER A 296 -5.11 4.02 16.71
C SER A 296 -4.01 3.05 16.27
N SER A 297 -2.77 3.54 16.25
CA SER A 297 -1.61 2.71 16.01
C SER A 297 -1.04 2.07 17.28
N ALA A 298 -1.67 2.32 18.43
N ALA A 298 -1.66 2.34 18.42
CA ALA A 298 -1.09 1.94 19.72
CA ALA A 298 -1.20 1.76 19.67
C ALA A 298 -0.64 0.48 19.78
C ALA A 298 -1.33 0.25 19.60
N GLY A 299 -1.41 -0.42 19.18
N GLY A 299 -0.22 -0.45 19.78
CA GLY A 299 -1.11 -1.84 19.24
CA GLY A 299 -0.23 -1.89 19.65
C GLY A 299 -0.30 -2.38 18.08
C GLY A 299 0.41 -2.33 18.36
N ILE A 300 0.34 -1.49 17.32
CA ILE A 300 1.04 -1.85 16.10
CA ILE A 300 1.04 -1.80 16.08
C ILE A 300 2.54 -1.59 16.23
N GLY A 301 2.92 -0.50 16.90
CA GLY A 301 4.32 -0.18 17.10
C GLY A 301 4.83 0.84 16.10
N ILE A 302 4.01 1.19 15.13
N ILE A 302 3.99 1.18 15.14
CA ILE A 302 4.39 2.20 14.16
CA ILE A 302 4.36 2.17 14.13
C ILE A 302 3.14 2.87 13.59
C ILE A 302 3.11 2.89 13.64
N ASN A 303 3.27 4.15 13.22
CA ASN A 303 2.16 4.87 12.58
C ASN A 303 2.17 4.54 11.10
N ILE A 304 0.97 4.40 10.52
CA ILE A 304 0.88 3.97 9.12
C ILE A 304 0.00 4.92 8.34
N PHE A 305 0.61 5.62 7.38
CA PHE A 305 -0.13 6.41 6.41
C PHE A 305 -0.56 5.49 5.27
N GLY A 306 -1.69 4.82 5.49
CA GLY A 306 -2.22 3.88 4.53
C GLY A 306 -3.08 4.57 3.48
N ASP A 307 -3.88 3.79 2.79
CA ASP A 307 -4.60 4.29 1.62
C ASP A 307 -5.50 5.48 1.93
N VAL A 308 -6.12 5.51 3.11
CA VAL A 308 -6.96 6.64 3.49
C VAL A 308 -6.22 7.97 3.36
N ALA A 309 -4.96 8.00 3.80
CA ALA A 309 -4.13 9.20 3.66
C ALA A 309 -3.59 9.35 2.24
N LEU A 310 -3.03 8.28 1.70
CA LEU A 310 -2.32 8.39 0.44
C LEU A 310 -3.25 8.75 -0.72
N LYS A 311 -4.49 8.28 -0.69
CA LYS A 311 -5.35 8.55 -1.83
CA LYS A 311 -5.41 8.53 -1.80
C LYS A 311 -5.84 10.00 -1.88
N ALA A 312 -5.58 10.76 -0.80
CA ALA A 312 -5.85 12.19 -0.81
C ALA A 312 -4.71 12.97 -1.48
N ALA A 313 -3.66 12.27 -1.91
CA ALA A 313 -2.46 12.93 -2.44
C ALA A 313 -1.94 12.27 -3.71
N PHE A 314 -1.11 13.04 -4.43
CA PHE A 314 -0.21 12.48 -5.41
C PHE A 314 1.10 12.24 -4.68
N VAL A 315 1.59 11.01 -4.66
CA VAL A 315 2.72 10.65 -3.83
C VAL A 315 3.90 10.17 -4.66
N VAL A 316 5.05 10.80 -4.47
CA VAL A 316 6.28 10.43 -5.14
C VAL A 316 7.17 9.63 -4.22
N PHE A 317 7.51 8.42 -4.67
CA PHE A 317 8.48 7.59 -3.97
C PHE A 317 9.80 7.74 -4.71
N ASN A 318 10.67 8.60 -4.19
CA ASN A 318 11.91 8.93 -4.87
C ASN A 318 13.03 8.03 -4.40
N GLY A 319 13.47 7.14 -5.30
CA GLY A 319 14.48 6.16 -4.99
C GLY A 319 15.89 6.56 -5.39
N ALA A 320 16.17 7.86 -5.33
CA ALA A 320 17.53 8.35 -5.50
C ALA A 320 18.45 7.81 -4.41
N THR A 321 19.74 8.04 -4.56
CA THR A 321 20.73 7.54 -3.60
C THR A 321 20.34 7.84 -2.16
N THR A 322 19.84 9.04 -1.93
CA THR A 322 19.17 9.37 -0.68
C THR A 322 17.67 9.49 -0.98
N PRO A 323 16.89 8.47 -0.59
N PRO A 323 16.90 8.44 -0.66
CA PRO A 323 15.47 8.46 -0.91
CA PRO A 323 15.50 6.37 -1.57
CA PRO A 323 15.47 8.47 -0.96
C PRO A 323 14.68 9.55 -0.19
C PRO A 323 14.71 9.57 -0.22
N THR A 324 13.65 10.06 -0.85
CA THR A 324 12.75 11.03 -0.24
C THR A 324 11.33 10.68 -0.67
N LEU A 325 10.36 11.32 -0.01
CA LEU A 325 8.95 11.17 -0.36
CA LEU A 325 8.95 11.17 -0.31
C LEU A 325 8.40 12.53 -0.72
N GLY A 326 7.57 12.57 -1.76
CA GLY A 326 6.92 13.82 -2.15
C GLY A 326 5.41 13.69 -2.07
N PHE A 327 4.75 14.74 -1.59
CA PHE A 327 3.28 14.80 -1.54
C PHE A 327 2.77 16.05 -2.20
N ALA A 328 1.76 15.90 -3.06
CA ALA A 328 1.03 17.04 -3.62
C ALA A 328 -0.46 16.81 -3.45
N SER A 329 -1.21 17.90 -3.30
CA SER A 329 -2.67 17.84 -3.40
C SER A 329 -3.05 17.52 -4.84
N LYS A 330 -4.29 17.11 -5.06
CA LYS A 330 -4.72 16.78 -6.41
C LYS A 330 -6.22 16.97 -6.58
C1 GOL B . -9.14 15.44 -2.09
O1 GOL B . -9.80 16.51 -2.72
C2 GOL B . -7.80 15.92 -1.56
O2 GOL B . -8.00 16.99 -0.66
C3 GOL B . -6.94 16.36 -2.72
O3 GOL B . -5.62 16.65 -2.29
C1 GOL C . -15.45 1.71 -14.39
O1 GOL C . -15.44 3.08 -14.71
C2 GOL C . -14.10 1.36 -13.78
O2 GOL C . -13.14 1.26 -14.80
C3 GOL C . -14.20 0.05 -13.02
O3 GOL C . -12.91 -0.37 -12.66
C1 GOL D . -8.00 20.29 15.81
O1 GOL D . -7.59 20.79 14.56
C2 GOL D . -6.97 19.29 16.32
O2 GOL D . -7.35 18.83 17.60
C3 GOL D . -5.59 19.94 16.37
O3 GOL D . -5.57 21.01 17.30
C ACT E . -22.24 4.73 5.27
O ACT E . -22.13 5.87 5.80
OXT ACT E . -21.29 4.35 4.56
CH3 ACT E . -23.47 3.89 5.48
C4 D8J F . -7.05 -5.06 3.64
C5 D8J F . -8.30 -5.46 4.12
C6 D8J F . -8.73 -5.09 5.50
N1 D8J F . -13.25 -2.93 5.62
C7 D8J F . -8.78 -3.39 7.23
C8 D8J F . -10.12 -2.71 7.42
C9 D8J F . -11.33 -3.56 7.09
C10 D8J F . -12.38 -2.52 6.76
C11 D8J F . -11.61 -1.24 6.44
F D8J F . -7.00 -6.64 0.41
C2 D8J F . -7.44 -6.24 1.63
C1 D8J F . -8.68 -6.64 2.04
C3 D8J F . -6.61 -5.45 2.38
C D8J F . -9.11 -6.25 3.30
O D8J F . -9.24 -5.92 6.24
N D8J F . -8.53 -3.83 5.88
O1 D8J F . -10.23 -1.61 6.51
O2 D8J F . -11.75 -4.32 8.23
C4 D8J G . -6.21 -5.93 7.55
C5 D8J G . -5.43 -4.78 7.56
C6 D8J G . -4.76 -4.33 6.30
F D8J G . -7.36 -5.99 10.96
C2 D8J G . -6.70 -5.60 9.84
C1 D8J G . -5.94 -4.46 9.89
C3 D8J G . -6.86 -6.35 8.71
C D8J G . -5.30 -4.05 8.74
O D8J G . -4.79 -3.15 5.94
N D8J G . -4.13 -5.27 5.59
#